data_9OLT
#
_entry.id   9OLT
#
_cell.length_a   50.939
_cell.length_b   90.695
_cell.length_c   66.786
_cell.angle_alpha   90.00
_cell.angle_beta   106.04
_cell.angle_gamma   90.00
#
_symmetry.space_group_name_H-M   'P 1 21 1'
#
loop_
_entity.id
_entity.type
_entity.pdbx_description
1 polymer VP1
2 branched alpha-L-fucopyranose-(1-2)-[2-acetamido-2-deoxy-alpha-D-galactopyranose-(1-3)]alpha-D-galactopyranose
3 non-polymer 1,2-ETHANEDIOL
4 non-polymer 'CHLORIDE ION'
5 water water
#
_entity_poly.entity_id   1
_entity_poly.type   'polypeptide(L)'
_entity_poly.pdbx_seq_one_letter_code
;SKPFTIPILTIGEMTNSRFPVAIDMLHTSPTDNFIVQPQNGRCTLDGELQGTTQLVASNICAFRGSISGHENNGDQHQWH
FSITNPNGTPFDPTEDVPAPLGTPDFKGQLYGVISQRNREGSSGNGNQKANRSHEGVISTVAPRFTPKLGSVMIGTWTTD
DIQDQPSRFTPVGLNDDDNYKQWELPNYSGALTLNMGLAPSVFPTYPGEQLLFFRSYIPMKGGYGSPYIDCLIPQEWISH
FYQESAPSQTDVALIRYVNPDTGRVLFEAKLHRQGYITVAKTGDSPINVPANGYFRFDSWVSQFYSLAPM
;
_entity_poly.pdbx_strand_id   A,B
#
# COMPACT_ATOMS: atom_id res chain seq x y z
N LYS A 2 8.68 24.45 10.11
CA LYS A 2 7.86 25.65 10.12
C LYS A 2 7.20 25.94 8.75
N PRO A 3 7.97 26.07 7.66
CA PRO A 3 7.33 26.39 6.37
C PRO A 3 6.59 25.18 5.83
N PHE A 4 5.36 25.42 5.38
CA PHE A 4 4.49 24.35 4.88
C PHE A 4 4.89 23.95 3.45
N THR A 5 4.88 22.65 3.17
CA THR A 5 5.24 22.14 1.85
C THR A 5 4.31 20.99 1.45
N ILE A 6 4.21 20.76 0.15
CA ILE A 6 3.45 19.66 -0.44
C ILE A 6 4.41 18.74 -1.19
N PRO A 7 4.27 17.41 -1.09
CA PRO A 7 5.18 16.52 -1.84
C PRO A 7 5.14 16.80 -3.34
N ILE A 8 6.28 16.57 -4.01
CA ILE A 8 6.34 16.81 -5.45
C ILE A 8 6.01 15.56 -6.26
N LEU A 9 5.17 14.70 -5.72
CA LEU A 9 4.81 13.46 -6.42
C LEU A 9 3.72 13.71 -7.46
N THR A 10 3.81 13.00 -8.59
CA THR A 10 2.71 12.96 -9.56
C THR A 10 1.57 12.10 -9.03
N ILE A 11 0.39 12.20 -9.65
CA ILE A 11 -0.71 11.44 -9.06
C ILE A 11 -0.49 9.94 -9.22
N GLY A 12 0.15 9.52 -10.32
CA GLY A 12 0.44 8.10 -10.49
C GLY A 12 1.53 7.59 -9.56
N GLU A 13 2.21 8.49 -8.85
CA GLU A 13 3.15 8.16 -7.80
C GLU A 13 2.53 8.25 -6.41
N MET A 14 1.22 8.40 -6.33
CA MET A 14 0.56 8.52 -5.04
C MET A 14 -0.57 7.52 -4.92
N THR A 15 -1.03 7.34 -3.67
CA THR A 15 -2.00 6.31 -3.30
C THR A 15 -3.28 6.96 -2.78
N ASN A 16 -4.42 6.42 -3.21
CA ASN A 16 -5.69 6.80 -2.64
C ASN A 16 -5.70 6.53 -1.15
N SER A 17 -6.18 7.50 -0.36
CA SER A 17 -6.20 7.36 1.09
C SER A 17 -7.47 6.71 1.61
N ARG A 18 -8.36 6.27 0.70
CA ARG A 18 -9.54 5.52 1.07
C ARG A 18 -9.54 4.09 0.51
N PHE A 19 -8.57 3.73 -0.32
CA PHE A 19 -8.49 2.34 -0.74
C PHE A 19 -7.09 2.15 -1.27
N PRO A 20 -6.41 1.00 -0.98
CA PRO A 20 -4.96 0.87 -1.30
C PRO A 20 -4.68 0.62 -2.77
N VAL A 21 -4.84 1.69 -3.56
CA VAL A 21 -4.59 1.69 -4.99
CA VAL A 21 -4.61 1.69 -4.99
C VAL A 21 -4.05 3.07 -5.38
N ALA A 22 -3.24 3.09 -6.44
CA ALA A 22 -2.72 4.36 -6.94
C ALA A 22 -3.86 5.26 -7.40
N ILE A 23 -3.63 6.57 -7.34
CA ILE A 23 -4.60 7.53 -7.86
C ILE A 23 -4.61 7.51 -9.38
N ASP A 24 -5.81 7.50 -9.95
CA ASP A 24 -5.98 7.47 -11.40
C ASP A 24 -6.15 8.84 -12.02
N MET A 25 -6.89 9.73 -11.38
CA MET A 25 -7.20 11.01 -12.00
C MET A 25 -7.63 11.99 -10.91
N LEU A 26 -7.67 13.27 -11.27
CA LEU A 26 -8.38 14.28 -10.49
C LEU A 26 -9.78 14.44 -11.05
N HIS A 27 -10.73 14.77 -10.16
CA HIS A 27 -12.09 14.96 -10.61
C HIS A 27 -12.78 15.99 -9.71
N THR A 28 -13.69 16.75 -10.29
CA THR A 28 -14.52 17.64 -9.51
C THR A 28 -15.98 17.44 -9.91
N SER A 29 -16.87 17.59 -8.94
CA SER A 29 -18.29 17.53 -9.23
C SER A 29 -19.04 18.21 -8.09
N PRO A 30 -20.28 18.62 -8.33
CA PRO A 30 -21.10 19.14 -7.24
C PRO A 30 -21.41 18.01 -6.26
N THR A 31 -21.53 18.38 -4.99
CA THR A 31 -21.75 17.40 -3.92
C THR A 31 -22.89 17.82 -3.01
N ASP A 32 -23.75 18.73 -3.49
CA ASP A 32 -24.85 19.23 -2.68
C ASP A 32 -25.75 18.09 -2.16
N ASN A 33 -25.94 17.05 -2.97
CA ASN A 33 -26.81 15.93 -2.60
C ASN A 33 -26.09 14.84 -1.83
N PHE A 34 -24.88 15.11 -1.35
CA PHE A 34 -24.10 14.18 -0.56
C PHE A 34 -23.72 14.84 0.76
N ILE A 35 -23.55 14.00 1.78
CA ILE A 35 -22.83 14.38 2.98
C ILE A 35 -21.43 13.81 2.79
N VAL A 36 -20.44 14.67 2.63
CA VAL A 36 -19.10 14.21 2.31
C VAL A 36 -18.37 14.13 3.64
N GLN A 37 -18.42 12.94 4.27
CA GLN A 37 -17.81 12.73 5.59
C GLN A 37 -16.98 11.45 5.64
N PRO A 38 -16.03 11.27 4.70
CA PRO A 38 -15.18 10.08 4.76
C PRO A 38 -14.36 10.08 6.06
N GLN A 39 -14.06 8.87 6.54
CA GLN A 39 -13.29 8.74 7.77
C GLN A 39 -11.86 8.28 7.54
N ASN A 40 -11.57 7.65 6.41
CA ASN A 40 -10.20 7.42 6.00
C ASN A 40 -9.74 8.58 5.14
N GLY A 41 -8.43 8.81 5.16
CA GLY A 41 -7.88 9.89 4.37
C GLY A 41 -8.18 11.25 4.94
N ARG A 42 -8.20 11.37 6.28
CA ARG A 42 -8.52 12.61 6.97
C ARG A 42 -7.32 13.05 7.79
N CYS A 43 -6.76 14.21 7.46
CA CYS A 43 -5.61 14.76 8.17
C CYS A 43 -5.60 16.27 7.98
N THR A 44 -5.39 17.02 9.06
CA THR A 44 -5.28 18.46 8.91
C THR A 44 -3.92 18.84 8.32
N LEU A 45 -3.82 20.09 7.88
CA LEU A 45 -2.56 20.52 7.28
C LEU A 45 -1.46 20.57 8.32
N ASP A 46 -1.80 20.79 9.59
CA ASP A 46 -0.75 20.74 10.59
C ASP A 46 -0.54 19.32 11.15
N GLY A 47 -1.14 18.31 10.52
CA GLY A 47 -0.73 16.94 10.76
C GLY A 47 -1.56 16.14 11.75
N GLU A 48 -2.78 16.55 12.04
CA GLU A 48 -3.66 15.83 12.97
C GLU A 48 -4.50 14.81 12.19
N LEU A 49 -4.25 13.52 12.44
CA LEU A 49 -5.07 12.46 11.85
C LEU A 49 -6.46 12.46 12.47
N GLN A 50 -7.46 12.17 11.65
CA GLN A 50 -8.85 12.20 12.12
C GLN A 50 -9.59 10.94 11.68
N GLY A 51 -10.77 10.74 12.26
CA GLY A 51 -11.59 9.61 11.83
C GLY A 51 -10.93 8.28 12.13
N THR A 52 -10.91 7.39 11.14
CA THR A 52 -10.21 6.11 11.23
C THR A 52 -8.90 6.13 10.48
N THR A 53 -8.34 7.33 10.23
CA THR A 53 -7.17 7.42 9.39
C THR A 53 -5.93 6.94 10.13
N GLN A 54 -5.11 6.15 9.45
CA GLN A 54 -3.82 5.71 9.95
C GLN A 54 -2.84 5.86 8.80
N LEU A 55 -1.57 5.51 9.04
CA LEU A 55 -0.51 5.98 8.16
C LEU A 55 -0.06 4.97 7.11
N VAL A 56 -0.46 3.71 7.23
CA VAL A 56 -0.01 2.65 6.33
C VAL A 56 -1.06 2.46 5.23
N ALA A 57 -0.72 2.80 3.98
CA ALA A 57 -1.73 2.65 2.93
C ALA A 57 -2.21 1.22 2.82
N SER A 58 -1.30 0.25 2.99
CA SER A 58 -1.67 -1.16 2.88
C SER A 58 -2.62 -1.63 3.96
N ASN A 59 -2.85 -0.81 5.01
CA ASN A 59 -3.83 -1.14 6.04
C ASN A 59 -5.17 -0.49 5.80
N ILE A 60 -5.32 0.32 4.75
CA ILE A 60 -6.62 0.90 4.43
C ILE A 60 -7.55 -0.21 3.95
N CYS A 61 -8.71 -0.33 4.59
CA CYS A 61 -9.70 -1.37 4.29
C CYS A 61 -9.17 -2.76 4.59
N ALA A 62 -8.17 -2.86 5.48
CA ALA A 62 -7.67 -4.15 5.95
C ALA A 62 -8.18 -4.41 7.36
N PHE A 63 -8.22 -5.70 7.75
CA PHE A 63 -8.49 -6.08 9.13
C PHE A 63 -7.46 -7.11 9.60
N ARG A 64 -7.14 -7.08 10.90
CA ARG A 64 -6.39 -8.14 11.56
C ARG A 64 -7.17 -8.61 12.78
N GLY A 65 -7.01 -9.88 13.12
CA GLY A 65 -7.67 -10.42 14.29
C GLY A 65 -7.69 -11.93 14.26
N SER A 66 -8.88 -12.52 14.42
CA SER A 66 -9.02 -13.96 14.48
C SER A 66 -10.47 -14.30 14.16
N ILE A 67 -10.70 -15.53 13.74
CA ILE A 67 -12.04 -16.04 13.50
C ILE A 67 -12.52 -16.79 14.73
N SER A 68 -13.76 -16.51 15.16
CA SER A 68 -14.38 -17.22 16.28
CA SER A 68 -14.39 -17.20 16.29
C SER A 68 -15.66 -17.88 15.79
N GLY A 69 -15.49 -18.93 15.01
CA GLY A 69 -16.61 -19.71 14.53
C GLY A 69 -17.50 -18.97 13.54
N HIS A 70 -18.66 -19.56 13.32
CA HIS A 70 -19.68 -18.94 12.49
C HIS A 70 -20.36 -17.81 13.25
N GLU A 71 -21.07 -16.98 12.51
CA GLU A 71 -21.81 -15.87 13.10
C GLU A 71 -23.09 -16.42 13.72
N ASN A 72 -23.88 -15.56 14.37
CA ASN A 72 -24.90 -16.01 15.30
C ASN A 72 -25.98 -16.88 14.64
N ASN A 73 -26.23 -16.69 13.34
CA ASN A 73 -27.32 -17.40 12.65
C ASN A 73 -26.98 -18.85 12.36
N GLY A 74 -27.41 -19.35 11.20
CA GLY A 74 -27.10 -20.72 10.80
C GLY A 74 -26.47 -20.81 9.43
N ASP A 75 -25.69 -19.79 9.05
CA ASP A 75 -25.17 -19.68 7.69
C ASP A 75 -23.75 -20.23 7.63
N GLN A 76 -23.57 -21.34 6.93
CA GLN A 76 -22.26 -21.97 6.89
C GLN A 76 -21.24 -21.16 6.10
N HIS A 77 -21.67 -20.14 5.36
CA HIS A 77 -20.76 -19.29 4.61
C HIS A 77 -20.31 -18.06 5.39
N GLN A 78 -20.81 -17.84 6.61
CA GLN A 78 -20.54 -16.61 7.33
C GLN A 78 -19.73 -16.89 8.60
N TRP A 79 -18.78 -15.99 8.91
CA TRP A 79 -17.84 -16.23 9.99
C TRP A 79 -17.70 -14.97 10.84
N HIS A 80 -17.48 -15.17 12.14
CA HIS A 80 -17.31 -14.06 13.07
C HIS A 80 -15.84 -13.68 13.13
N PHE A 81 -15.52 -12.47 12.63
CA PHE A 81 -14.15 -11.98 12.53
C PHE A 81 -13.93 -10.97 13.67
N SER A 82 -13.33 -11.43 14.76
CA SER A 82 -12.94 -10.55 15.84
C SER A 82 -11.74 -9.72 15.40
N ILE A 83 -11.79 -8.40 15.63
CA ILE A 83 -10.74 -7.58 15.08
C ILE A 83 -9.95 -6.90 16.18
N THR A 84 -8.67 -6.68 15.90
CA THR A 84 -7.73 -5.99 16.78
C THR A 84 -7.34 -4.66 16.14
N ASN A 85 -6.52 -3.90 16.84
CA ASN A 85 -5.83 -2.81 16.18
C ASN A 85 -4.91 -3.39 15.10
N PRO A 86 -4.60 -2.60 14.08
CA PRO A 86 -3.72 -3.10 13.00
C PRO A 86 -2.36 -3.58 13.48
N ASN A 87 -1.86 -3.08 14.60
CA ASN A 87 -0.56 -3.52 15.08
C ASN A 87 -0.67 -4.75 15.99
N GLY A 88 -1.85 -5.35 16.08
CA GLY A 88 -2.05 -6.56 16.84
C GLY A 88 -2.48 -6.37 18.28
N THR A 89 -2.35 -5.15 18.82
CA THR A 89 -2.84 -4.89 20.15
C THR A 89 -4.37 -4.91 20.15
N PRO A 90 -5.01 -5.25 21.29
CA PRO A 90 -6.47 -5.28 21.32
C PRO A 90 -7.09 -3.90 21.06
N PHE A 91 -8.24 -3.89 20.39
CA PHE A 91 -8.96 -2.64 20.12
C PHE A 91 -9.79 -2.22 21.33
N ASP A 92 -9.68 -0.93 21.71
CA ASP A 92 -10.42 -0.42 22.85
C ASP A 92 -11.66 0.34 22.39
N PRO A 93 -12.86 -0.21 22.55
CA PRO A 93 -14.05 0.48 22.04
C PRO A 93 -14.45 1.70 22.84
N THR A 94 -13.81 1.99 23.97
CA THR A 94 -14.24 3.12 24.78
C THR A 94 -13.66 4.45 24.31
N GLU A 95 -12.62 4.43 23.49
CA GLU A 95 -12.06 5.69 23.02
C GLU A 95 -12.96 6.33 21.96
N ASP A 96 -12.84 7.65 21.82
CA ASP A 96 -13.68 8.46 20.94
C ASP A 96 -13.16 8.40 19.50
N VAL A 97 -13.16 7.17 18.97
CA VAL A 97 -12.72 6.85 17.62
CA VAL A 97 -12.72 6.84 17.62
C VAL A 97 -13.86 6.08 16.96
N PRO A 98 -14.11 6.20 15.65
CA PRO A 98 -15.33 5.59 15.10
C PRO A 98 -15.28 4.07 15.07
N ALA A 99 -14.09 3.51 14.94
CA ALA A 99 -13.89 2.10 14.61
C ALA A 99 -12.39 1.85 14.58
N PRO A 100 -11.92 0.59 14.52
CA PRO A 100 -10.49 0.33 14.36
C PRO A 100 -9.93 1.07 13.16
N LEU A 101 -8.68 1.52 13.28
CA LEU A 101 -8.11 2.34 12.22
C LEU A 101 -8.08 1.56 10.92
N GLY A 102 -8.41 2.25 9.82
CA GLY A 102 -8.47 1.62 8.51
C GLY A 102 -9.79 0.95 8.12
N THR A 103 -10.72 0.80 9.05
CA THR A 103 -12.02 0.23 8.72
C THR A 103 -12.60 0.95 7.48
N PRO A 104 -13.25 0.24 6.56
CA PRO A 104 -13.89 0.93 5.43
C PRO A 104 -14.91 1.97 5.90
N ASP A 105 -15.01 3.06 5.14
CA ASP A 105 -15.87 4.21 5.48
C ASP A 105 -16.97 4.41 4.46
N PHE A 106 -17.45 3.33 3.87
CA PHE A 106 -18.51 3.41 2.88
C PHE A 106 -19.44 2.23 3.04
N LYS A 107 -20.62 2.35 2.44
CA LYS A 107 -21.55 1.23 2.34
C LYS A 107 -21.20 0.43 1.10
N GLY A 108 -20.89 -0.85 1.28
CA GLY A 108 -20.66 -1.70 0.12
C GLY A 108 -20.19 -3.08 0.53
N GLN A 109 -19.87 -3.88 -0.49
CA GLN A 109 -19.38 -5.25 -0.28
CA GLN A 109 -19.39 -5.25 -0.31
C GLN A 109 -17.88 -5.27 -0.53
N LEU A 110 -17.12 -5.21 0.57
CA LEU A 110 -15.66 -5.17 0.46
C LEU A 110 -15.16 -6.58 0.15
N TYR A 111 -14.48 -6.74 -1.00
CA TYR A 111 -14.04 -8.05 -1.48
C TYR A 111 -12.54 -8.17 -1.29
N GLY A 112 -12.09 -9.35 -0.83
CA GLY A 112 -10.67 -9.54 -0.68
C GLY A 112 -10.33 -10.96 -0.31
N VAL A 113 -9.24 -11.15 0.42
CA VAL A 113 -8.78 -12.49 0.79
C VAL A 113 -8.54 -12.50 2.30
N ILE A 114 -9.16 -13.45 2.97
CA ILE A 114 -8.85 -13.72 4.38
C ILE A 114 -7.74 -14.77 4.43
N SER A 115 -6.67 -14.47 5.16
CA SER A 115 -5.56 -15.42 5.34
CA SER A 115 -5.56 -15.41 5.33
C SER A 115 -5.45 -15.77 6.80
N GLN A 116 -5.08 -17.01 7.07
CA GLN A 116 -4.91 -17.52 8.42
C GLN A 116 -3.56 -18.20 8.57
N ARG A 117 -2.92 -18.00 9.71
CA ARG A 117 -1.71 -18.74 10.11
C ARG A 117 -1.97 -19.22 11.53
N ASN A 118 -1.95 -20.53 11.74
CA ASN A 118 -2.42 -21.07 13.01
C ASN A 118 -1.49 -20.65 14.16
N ARG A 119 -2.07 -20.52 15.34
CA ARG A 119 -1.25 -20.21 16.49
C ARG A 119 -0.48 -21.44 16.95
N GLU A 120 0.59 -21.19 17.70
CA GLU A 120 1.33 -22.30 18.30
C GLU A 120 0.46 -23.06 19.29
N GLY A 121 0.59 -24.38 19.31
CA GLY A 121 -0.12 -25.19 20.28
C GLY A 121 0.79 -25.73 21.37
N SER A 122 0.82 -27.05 21.52
CA SER A 122 1.57 -27.72 22.58
C SER A 122 2.84 -28.41 22.11
N SER A 123 3.19 -28.30 20.82
CA SER A 123 4.48 -28.73 20.32
C SER A 123 5.25 -27.51 19.78
N GLY A 124 4.88 -27.05 18.59
CA GLY A 124 5.18 -25.67 18.21
C GLY A 124 6.50 -25.31 17.57
N ASN A 125 6.38 -24.74 16.38
CA ASN A 125 7.36 -23.87 15.76
C ASN A 125 6.57 -22.91 14.89
N GLY A 126 7.20 -21.80 14.50
CA GLY A 126 6.72 -21.10 13.32
C GLY A 126 6.69 -22.01 12.11
N ASN A 127 7.53 -23.04 12.09
CA ASN A 127 7.56 -23.97 10.96
C ASN A 127 6.40 -24.95 10.95
N GLN A 128 5.75 -25.17 12.09
CA GLN A 128 4.65 -26.12 12.17
C GLN A 128 3.28 -25.47 12.02
N LYS A 129 3.21 -24.17 11.71
CA LYS A 129 1.91 -23.50 11.66
C LYS A 129 1.26 -23.71 10.29
N ALA A 130 0.07 -24.32 10.28
CA ALA A 130 -0.67 -24.46 9.04
C ALA A 130 -1.25 -23.12 8.58
N ASN A 131 -1.39 -22.97 7.26
CA ASN A 131 -1.88 -21.73 6.66
C ASN A 131 -3.07 -22.03 5.74
N ARG A 132 -3.98 -21.05 5.60
CA ARG A 132 -4.97 -21.11 4.52
C ARG A 132 -5.41 -19.70 4.18
N SER A 133 -5.72 -19.48 2.89
CA SER A 133 -6.31 -18.22 2.45
C SER A 133 -7.49 -18.52 1.55
N HIS A 134 -8.50 -17.67 1.60
CA HIS A 134 -9.68 -17.80 0.76
C HIS A 134 -10.24 -16.44 0.43
N GLU A 135 -10.90 -16.37 -0.73
CA GLU A 135 -11.66 -15.17 -1.04
C GLU A 135 -12.79 -14.98 -0.05
N GLY A 136 -13.10 -13.71 0.23
CA GLY A 136 -14.20 -13.41 1.15
C GLY A 136 -14.72 -12.00 0.90
N VAL A 137 -15.89 -11.73 1.45
CA VAL A 137 -16.57 -10.45 1.26
C VAL A 137 -17.04 -9.97 2.62
N ILE A 138 -16.72 -8.71 2.97
CA ILE A 138 -17.18 -8.10 4.20
C ILE A 138 -18.19 -7.03 3.81
N SER A 139 -19.47 -7.29 4.07
CA SER A 139 -20.52 -6.32 3.81
C SER A 139 -20.53 -5.28 4.91
N THR A 140 -20.38 -4.00 4.55
CA THR A 140 -20.36 -2.99 5.59
C THR A 140 -21.75 -2.56 6.03
N VAL A 141 -22.81 -3.12 5.43
CA VAL A 141 -24.17 -2.85 5.89
C VAL A 141 -24.77 -4.04 6.61
N ALA A 142 -24.07 -5.16 6.70
CA ALA A 142 -24.60 -6.33 7.39
C ALA A 142 -24.94 -5.96 8.83
N PRO A 143 -26.03 -6.52 9.39
CA PRO A 143 -26.29 -6.32 10.82
C PRO A 143 -25.11 -6.66 11.70
N ARG A 144 -24.29 -7.64 11.33
CA ARG A 144 -23.13 -7.99 12.15
CA ARG A 144 -23.13 -8.03 12.12
C ARG A 144 -21.87 -7.25 11.74
N PHE A 145 -21.99 -6.19 10.93
CA PHE A 145 -20.83 -5.33 10.71
C PHE A 145 -20.80 -4.39 11.90
N THR A 146 -20.02 -4.75 12.93
CA THR A 146 -19.95 -3.96 14.16
C THR A 146 -18.49 -3.74 14.57
N PRO A 147 -17.69 -3.11 13.72
CA PRO A 147 -16.26 -3.00 14.01
C PRO A 147 -15.99 -2.20 15.26
N LYS A 148 -16.82 -1.21 15.59
CA LYS A 148 -16.63 -0.45 16.82
C LYS A 148 -16.89 -1.33 18.05
N LEU A 149 -17.65 -2.41 17.89
CA LEU A 149 -17.86 -3.35 18.97
C LEU A 149 -16.84 -4.47 18.94
N GLY A 150 -15.94 -4.46 17.97
CA GLY A 150 -14.83 -5.39 17.92
C GLY A 150 -14.95 -6.56 16.95
N SER A 151 -15.92 -6.54 16.04
CA SER A 151 -16.04 -7.67 15.12
C SER A 151 -16.81 -7.28 13.86
N VAL A 152 -16.53 -8.02 12.77
CA VAL A 152 -17.29 -7.93 11.53
C VAL A 152 -17.62 -9.35 11.07
N MET A 153 -18.65 -9.48 10.24
CA MET A 153 -18.96 -10.76 9.62
C MET A 153 -18.33 -10.81 8.24
N ILE A 154 -17.70 -11.95 7.92
CA ILE A 154 -17.10 -12.16 6.60
C ILE A 154 -17.80 -13.36 5.95
N GLY A 155 -18.19 -13.21 4.70
CA GLY A 155 -18.79 -14.32 3.94
C GLY A 155 -17.76 -14.91 3.01
N THR A 156 -17.76 -16.23 2.88
CA THR A 156 -16.83 -16.93 2.01
C THR A 156 -17.58 -17.93 1.14
N TRP A 157 -16.96 -18.27 0.01
CA TRP A 157 -17.46 -19.38 -0.81
C TRP A 157 -17.18 -20.73 -0.17
N THR A 158 -16.05 -20.88 0.50
CA THR A 158 -15.80 -22.10 1.25
C THR A 158 -16.73 -22.16 2.47
N THR A 159 -17.18 -23.38 2.80
CA THR A 159 -17.93 -23.59 4.03
C THR A 159 -17.16 -24.40 5.05
N ASP A 160 -15.93 -24.82 4.72
CA ASP A 160 -15.28 -25.79 5.59
C ASP A 160 -13.78 -25.61 5.72
N ASP A 161 -13.19 -24.53 5.24
CA ASP A 161 -11.75 -24.35 5.36
C ASP A 161 -11.42 -22.98 5.92
N ILE A 162 -12.12 -22.61 7.00
CA ILE A 162 -11.81 -21.44 7.81
C ILE A 162 -11.76 -21.92 9.25
N GLN A 163 -10.63 -21.71 9.92
CA GLN A 163 -10.45 -22.19 11.28
C GLN A 163 -10.55 -21.04 12.29
N ASP A 164 -10.68 -21.41 13.56
CA ASP A 164 -10.69 -20.41 14.64
C ASP A 164 -9.25 -20.05 14.96
N GLN A 165 -8.68 -19.18 14.13
CA GLN A 165 -7.24 -18.98 14.12
C GLN A 165 -6.93 -17.52 13.79
N PRO A 166 -5.71 -17.07 14.06
CA PRO A 166 -5.33 -15.68 13.71
C PRO A 166 -5.54 -15.45 12.22
N SER A 167 -6.18 -14.31 11.90
CA SER A 167 -6.61 -14.03 10.53
C SER A 167 -6.29 -12.60 10.15
N ARG A 168 -6.10 -12.38 8.85
CA ARG A 168 -5.95 -11.05 8.30
C ARG A 168 -6.77 -10.98 7.02
N PHE A 169 -7.31 -9.80 6.76
CA PHE A 169 -8.09 -9.54 5.54
C PHE A 169 -7.30 -8.57 4.68
N THR A 170 -6.94 -9.01 3.46
CA THR A 170 -6.29 -8.14 2.48
C THR A 170 -7.34 -7.68 1.49
N PRO A 171 -7.64 -6.39 1.39
CA PRO A 171 -8.69 -5.96 0.45
C PRO A 171 -8.21 -6.05 -0.99
N VAL A 172 -9.15 -6.33 -1.90
CA VAL A 172 -8.88 -6.31 -3.32
C VAL A 172 -9.78 -5.35 -4.06
N GLY A 173 -11.07 -5.35 -3.74
CA GLY A 173 -11.99 -4.41 -4.38
C GLY A 173 -13.39 -4.55 -3.82
N LEU A 174 -14.40 -4.55 -4.68
CA LEU A 174 -15.80 -4.74 -4.29
C LEU A 174 -16.30 -6.04 -4.87
N ASN A 175 -17.28 -6.65 -4.18
CA ASN A 175 -17.87 -7.85 -4.76
C ASN A 175 -18.69 -7.51 -6.00
N ASP A 176 -19.45 -6.42 -5.92
CA ASP A 176 -20.27 -5.84 -6.98
C ASP A 176 -20.47 -4.39 -6.56
N ASP A 177 -21.19 -3.62 -7.38
CA ASP A 177 -21.35 -2.21 -7.01
C ASP A 177 -22.80 -1.76 -6.98
N ASP A 178 -23.75 -2.69 -6.97
CA ASP A 178 -25.17 -2.34 -7.13
C ASP A 178 -25.62 -1.35 -6.08
N ASN A 179 -25.17 -1.51 -4.85
CA ASN A 179 -25.59 -0.63 -3.77
C ASN A 179 -24.38 -0.03 -3.07
N TYR A 180 -23.28 0.13 -3.81
CA TYR A 180 -22.08 0.75 -3.29
C TYR A 180 -22.31 2.26 -3.19
N LYS A 181 -22.17 2.84 -2.00
CA LYS A 181 -22.41 4.27 -1.79
C LYS A 181 -21.18 4.84 -1.08
N GLN A 182 -20.27 5.47 -1.83
CA GLN A 182 -19.01 5.87 -1.22
C GLN A 182 -19.17 7.03 -0.23
N TRP A 183 -20.27 7.78 -0.28
CA TRP A 183 -20.44 8.89 0.66
C TRP A 183 -21.44 8.57 1.77
N GLU A 184 -21.79 7.30 1.96
CA GLU A 184 -22.64 6.91 3.08
C GLU A 184 -21.81 6.08 4.05
N LEU A 185 -21.70 6.55 5.30
CA LEU A 185 -20.94 5.83 6.31
C LEU A 185 -21.71 4.59 6.74
N PRO A 186 -21.02 3.47 6.99
CA PRO A 186 -21.68 2.33 7.64
C PRO A 186 -21.99 2.68 9.09
N ASN A 187 -22.79 1.84 9.73
CA ASN A 187 -23.03 1.96 11.17
C ASN A 187 -21.95 1.14 11.86
N TYR A 188 -20.94 1.82 12.37
CA TYR A 188 -19.79 1.10 12.91
C TYR A 188 -20.14 0.26 14.13
N SER A 189 -21.22 0.60 14.84
CA SER A 189 -21.71 -0.22 15.96
C SER A 189 -22.97 -0.99 15.63
N GLY A 190 -23.32 -1.11 14.36
CA GLY A 190 -24.56 -1.76 14.01
C GLY A 190 -25.77 -0.86 14.22
N ALA A 191 -26.95 -1.46 14.04
CA ALA A 191 -28.16 -0.67 13.87
C ALA A 191 -28.62 -0.03 15.18
N LEU A 192 -28.13 -0.52 16.32
CA LEU A 192 -28.64 -0.05 17.59
C LEU A 192 -28.01 1.28 18.03
N THR A 193 -26.91 1.70 17.40
CA THR A 193 -26.10 2.80 17.91
C THR A 193 -25.64 3.71 16.78
N LEU A 194 -25.61 5.02 17.08
CA LEU A 194 -25.08 6.04 16.18
C LEU A 194 -23.55 6.04 16.19
N ASN A 195 -22.97 6.50 15.08
CA ASN A 195 -21.52 6.60 14.97
C ASN A 195 -20.96 7.68 15.90
N MET A 196 -19.73 7.47 16.36
CA MET A 196 -19.07 8.39 17.26
C MET A 196 -17.65 8.70 16.76
N GLY A 197 -17.08 9.79 17.29
CA GLY A 197 -15.69 10.12 17.00
C GLY A 197 -15.40 10.50 15.56
N LEU A 198 -16.41 10.95 14.81
CA LEU A 198 -16.26 11.16 13.38
C LEU A 198 -15.46 12.42 13.06
N ALA A 199 -14.61 12.31 12.05
CA ALA A 199 -14.06 13.51 11.41
C ALA A 199 -15.22 14.31 10.82
N PRO A 200 -15.16 15.64 10.83
CA PRO A 200 -16.30 16.42 10.38
C PRO A 200 -16.51 16.30 8.88
N SER A 201 -17.76 16.52 8.46
CA SER A 201 -18.06 16.55 7.04
C SER A 201 -17.57 17.86 6.42
N VAL A 202 -17.34 17.83 5.10
CA VAL A 202 -16.77 18.97 4.38
C VAL A 202 -17.67 19.33 3.20
N PHE A 203 -17.67 20.61 2.83
CA PHE A 203 -18.40 21.04 1.65
C PHE A 203 -17.85 22.36 1.17
N PRO A 204 -17.99 22.69 -0.12
CA PRO A 204 -17.61 24.03 -0.58
C PRO A 204 -18.60 25.06 -0.09
N THR A 205 -18.13 26.27 0.03
CA THR A 205 -18.99 27.37 0.45
C THR A 205 -18.82 28.61 -0.41
N TYR A 206 -17.59 28.93 -0.80
CA TYR A 206 -17.37 30.14 -1.57
C TYR A 206 -18.13 30.00 -2.89
N PRO A 207 -18.87 31.03 -3.31
CA PRO A 207 -19.67 30.91 -4.53
C PRO A 207 -18.85 30.36 -5.70
N GLY A 208 -19.39 29.35 -6.37
CA GLY A 208 -18.75 28.82 -7.56
C GLY A 208 -17.66 27.79 -7.30
N GLU A 209 -17.48 27.35 -6.06
CA GLU A 209 -16.48 26.33 -5.78
C GLU A 209 -17.11 24.96 -5.60
N GLN A 210 -16.30 23.93 -5.91
CA GLN A 210 -16.60 22.53 -5.72
C GLN A 210 -15.39 21.87 -5.08
N LEU A 211 -15.64 20.75 -4.40
CA LEU A 211 -14.55 19.90 -3.95
C LEU A 211 -13.77 19.35 -5.14
N LEU A 212 -12.47 19.21 -4.96
CA LEU A 212 -11.60 18.47 -5.87
CA LEU A 212 -11.60 18.48 -5.87
C LEU A 212 -11.22 17.16 -5.22
N PHE A 213 -11.33 16.06 -5.98
CA PHE A 213 -11.06 14.71 -5.48
C PHE A 213 -9.91 14.06 -6.22
N PHE A 214 -9.21 13.17 -5.51
CA PHE A 214 -8.25 12.27 -6.11
C PHE A 214 -8.97 10.93 -6.25
N ARG A 215 -9.15 10.47 -7.48
CA ARG A 215 -10.09 9.40 -7.78
C ARG A 215 -9.35 8.16 -8.25
N SER A 216 -9.80 6.97 -7.79
CA SER A 216 -9.27 5.69 -8.26
C SER A 216 -10.41 4.75 -8.59
N TYR A 217 -10.27 4.03 -9.71
CA TYR A 217 -11.17 2.92 -9.98
C TYR A 217 -10.79 1.70 -9.14
N ILE A 218 -11.79 0.87 -8.86
CA ILE A 218 -11.68 -0.27 -7.93
CA ILE A 218 -11.67 -0.26 -7.94
C ILE A 218 -12.01 -1.55 -8.69
N PRO A 219 -11.27 -2.63 -8.49
CA PRO A 219 -11.64 -3.91 -9.12
C PRO A 219 -12.92 -4.48 -8.51
N MET A 220 -13.56 -5.40 -9.26
CA MET A 220 -14.71 -6.13 -8.73
C MET A 220 -14.56 -7.63 -8.94
N LYS A 221 -15.15 -8.37 -8.00
CA LYS A 221 -15.19 -9.82 -8.09
C LYS A 221 -16.06 -10.28 -9.24
N GLY A 222 -17.14 -9.55 -9.51
CA GLY A 222 -18.04 -9.91 -10.60
C GLY A 222 -18.97 -8.76 -10.87
N GLY A 223 -19.98 -9.03 -11.69
CA GLY A 223 -20.99 -8.02 -11.99
C GLY A 223 -20.49 -6.97 -12.97
N TYR A 224 -21.31 -5.92 -13.13
CA TYR A 224 -21.11 -4.94 -14.18
C TYR A 224 -20.87 -3.58 -13.57
N GLY A 225 -19.91 -2.83 -14.14
CA GLY A 225 -19.69 -1.47 -13.66
C GLY A 225 -18.21 -1.10 -13.56
N SER A 226 -17.95 0.19 -13.32
CA SER A 226 -16.58 0.69 -13.16
C SER A 226 -16.58 1.57 -11.91
N PRO A 227 -16.70 0.96 -10.73
CA PRO A 227 -16.76 1.76 -9.49
C PRO A 227 -15.47 2.51 -9.25
N TYR A 228 -15.59 3.65 -8.60
CA TYR A 228 -14.44 4.46 -8.22
C TYR A 228 -14.63 4.94 -6.79
N ILE A 229 -13.53 5.37 -6.18
CA ILE A 229 -13.56 5.96 -4.84
C ILE A 229 -12.74 7.25 -4.85
N ASP A 230 -13.28 8.27 -4.19
CA ASP A 230 -12.74 9.63 -4.19
C ASP A 230 -12.15 9.91 -2.82
N CYS A 231 -10.89 10.34 -2.76
CA CYS A 231 -10.34 10.75 -1.47
C CYS A 231 -10.02 12.25 -1.48
N LEU A 232 -9.94 12.82 -0.27
CA LEU A 232 -9.77 14.28 -0.17
C LEU A 232 -8.32 14.69 -0.40
N ILE A 233 -7.38 13.94 0.15
CA ILE A 233 -5.95 14.17 -0.14
C ILE A 233 -5.26 12.81 -0.19
N PRO A 234 -4.15 12.72 -0.94
CA PRO A 234 -3.45 11.43 -1.08
C PRO A 234 -2.84 10.96 0.22
N GLN A 235 -2.68 9.64 0.34
CA GLN A 235 -2.07 9.09 1.55
C GLN A 235 -0.66 9.66 1.79
N GLU A 236 0.10 9.91 0.71
CA GLU A 236 1.47 10.40 0.87
C GLU A 236 1.48 11.85 1.36
N TRP A 237 0.46 12.64 1.02
CA TRP A 237 0.32 13.95 1.65
C TRP A 237 0.07 13.82 3.14
N ILE A 238 -0.82 12.90 3.53
CA ILE A 238 -1.13 12.68 4.94
C ILE A 238 0.12 12.29 5.70
N SER A 239 0.90 11.35 5.16
CA SER A 239 2.16 11.01 5.84
C SER A 239 3.08 12.21 5.97
N HIS A 240 3.11 13.08 4.96
CA HIS A 240 3.99 14.24 5.00
C HIS A 240 3.53 15.25 6.05
N PHE A 241 2.23 15.59 6.04
CA PHE A 241 1.72 16.59 6.98
C PHE A 241 1.86 16.09 8.40
N TYR A 242 1.59 14.79 8.60
CA TYR A 242 1.75 14.18 9.92
C TYR A 242 3.16 14.34 10.43
N GLN A 243 4.15 14.14 9.58
CA GLN A 243 5.52 14.26 10.05
C GLN A 243 5.94 15.72 10.22
N GLU A 244 5.58 16.59 9.27
CA GLU A 244 6.04 17.97 9.34
C GLU A 244 5.41 18.70 10.51
N SER A 245 4.12 18.49 10.76
CA SER A 245 3.38 19.24 11.78
C SER A 245 3.63 20.73 11.65
N ALA A 246 3.70 21.23 10.42
CA ALA A 246 3.92 22.66 10.20
C ALA A 246 2.66 23.44 10.56
N PRO A 247 2.77 24.51 11.35
CA PRO A 247 1.56 25.27 11.72
C PRO A 247 0.91 25.90 10.49
N SER A 248 -0.41 25.79 10.42
CA SER A 248 -1.17 26.43 9.36
C SER A 248 -1.29 27.91 9.64
N GLN A 249 -0.73 28.75 8.76
CA GLN A 249 -0.67 30.19 9.08
C GLN A 249 -2.02 30.88 8.87
N THR A 250 -2.83 30.41 7.92
CA THR A 250 -4.21 30.83 7.76
C THR A 250 -5.05 29.59 7.56
N ASP A 251 -6.34 29.77 7.27
CA ASP A 251 -7.21 28.62 7.06
C ASP A 251 -7.10 28.04 5.67
N VAL A 252 -6.41 28.70 4.75
CA VAL A 252 -6.40 28.28 3.35
C VAL A 252 -5.00 28.44 2.78
N ALA A 253 -4.47 27.36 2.21
CA ALA A 253 -3.23 27.39 1.44
C ALA A 253 -3.59 27.48 -0.03
N LEU A 254 -3.07 28.50 -0.71
CA LEU A 254 -3.24 28.65 -2.16
C LEU A 254 -2.24 27.77 -2.86
N ILE A 255 -2.72 26.82 -3.67
CA ILE A 255 -1.85 25.86 -4.34
C ILE A 255 -2.11 25.93 -5.85
N ARG A 256 -1.04 25.77 -6.62
CA ARG A 256 -1.05 25.88 -8.07
C ARG A 256 -0.62 24.53 -8.65
N TYR A 257 -1.40 23.99 -9.58
CA TYR A 257 -1.04 22.74 -10.26
C TYR A 257 -0.17 23.11 -11.45
N VAL A 258 1.07 22.67 -11.45
CA VAL A 258 2.08 23.13 -12.39
CA VAL A 258 2.07 23.13 -12.40
C VAL A 258 2.58 21.97 -13.24
N ASN A 259 2.84 22.25 -14.51
CA ASN A 259 3.58 21.33 -15.36
C ASN A 259 5.05 21.68 -15.17
N PRO A 260 5.86 20.81 -14.57
CA PRO A 260 7.26 21.19 -14.31
C PRO A 260 8.09 21.32 -15.57
N ASP A 261 7.66 20.73 -16.69
CA ASP A 261 8.40 20.92 -17.95
C ASP A 261 8.39 22.38 -18.37
N THR A 262 7.20 22.98 -18.44
CA THR A 262 7.04 24.32 -18.95
C THR A 262 6.92 25.38 -17.85
N GLY A 263 6.66 24.96 -16.61
CA GLY A 263 6.37 25.88 -15.54
C GLY A 263 5.02 26.55 -15.62
N ARG A 264 4.17 26.16 -16.57
CA ARG A 264 2.86 26.77 -16.68
C ARG A 264 1.93 26.25 -15.59
N VAL A 265 1.04 27.13 -15.14
CA VAL A 265 0.04 26.80 -14.14
C VAL A 265 -1.21 26.31 -14.87
N LEU A 266 -1.61 25.07 -14.60
CA LEU A 266 -2.83 24.55 -15.20
C LEU A 266 -4.07 25.17 -14.55
N PHE A 267 -4.09 25.20 -13.22
CA PHE A 267 -5.19 25.80 -12.46
C PHE A 267 -4.68 26.04 -11.05
N GLU A 268 -5.44 26.82 -10.28
CA GLU A 268 -5.16 27.02 -8.87
C GLU A 268 -6.32 26.52 -8.04
N ALA A 269 -6.05 26.27 -6.77
CA ALA A 269 -7.03 25.65 -5.88
C ALA A 269 -6.77 26.12 -4.45
N LYS A 270 -7.77 25.87 -3.59
CA LYS A 270 -7.68 26.19 -2.18
C LYS A 270 -7.51 24.89 -1.41
N LEU A 271 -6.39 24.77 -0.69
CA LEU A 271 -6.18 23.65 0.22
C LEU A 271 -6.58 24.11 1.62
N HIS A 272 -7.68 23.57 2.12
CA HIS A 272 -8.23 24.04 3.38
C HIS A 272 -7.54 23.35 4.55
N ARG A 273 -7.47 24.08 5.69
CA ARG A 273 -6.70 23.57 6.81
C ARG A 273 -7.23 22.24 7.32
N GLN A 274 -8.50 21.94 7.07
CA GLN A 274 -9.10 20.67 7.47
C GLN A 274 -8.61 19.51 6.62
N GLY A 275 -7.95 19.78 5.49
CA GLY A 275 -7.33 18.75 4.67
C GLY A 275 -8.18 18.34 3.48
N TYR A 276 -8.68 19.32 2.74
CA TYR A 276 -9.43 19.03 1.51
C TYR A 276 -9.25 20.22 0.58
N ILE A 277 -9.58 20.01 -0.70
CA ILE A 277 -9.30 20.98 -1.75
C ILE A 277 -10.60 21.44 -2.39
N THR A 278 -10.72 22.72 -2.70
CA THR A 278 -11.80 23.22 -3.53
C THR A 278 -11.24 23.96 -4.74
N VAL A 279 -12.03 23.98 -5.84
CA VAL A 279 -11.65 24.65 -7.08
C VAL A 279 -12.83 25.47 -7.55
N ALA A 280 -12.54 26.44 -8.43
CA ALA A 280 -13.56 27.31 -9.00
C ALA A 280 -14.05 26.66 -10.29
N LYS A 281 -15.02 25.77 -10.14
CA LYS A 281 -15.56 25.01 -11.26
C LYS A 281 -16.99 24.63 -10.91
N THR A 282 -17.88 24.73 -11.89
CA THR A 282 -19.24 24.24 -11.75
C THR A 282 -19.48 23.06 -12.70
N GLY A 283 -19.97 21.96 -12.14
CA GLY A 283 -20.39 20.81 -12.92
C GLY A 283 -19.51 19.58 -12.70
N ASP A 284 -20.09 18.41 -13.00
CA ASP A 284 -19.34 17.15 -12.99
C ASP A 284 -18.33 17.17 -14.13
N SER A 285 -17.06 17.01 -13.79
CA SER A 285 -16.07 17.31 -14.81
C SER A 285 -14.77 16.57 -14.53
N PRO A 286 -14.13 16.05 -15.56
CA PRO A 286 -12.73 15.61 -15.43
C PRO A 286 -11.82 16.83 -15.39
N ILE A 287 -10.57 16.59 -15.01
CA ILE A 287 -9.56 17.65 -14.95
C ILE A 287 -8.41 17.22 -15.84
N ASN A 288 -8.34 17.79 -17.04
CA ASN A 288 -7.31 17.43 -18.02
C ASN A 288 -5.99 18.08 -17.62
N VAL A 289 -5.05 17.26 -17.14
CA VAL A 289 -3.74 17.72 -16.69
C VAL A 289 -2.68 16.78 -17.21
N PRO A 290 -1.45 17.27 -17.35
CA PRO A 290 -0.35 16.40 -17.75
C PRO A 290 -0.01 15.41 -16.66
N ALA A 291 0.38 14.20 -17.06
CA ALA A 291 0.67 13.19 -16.05
C ALA A 291 1.84 13.58 -15.14
N ASN A 292 2.70 14.50 -15.57
CA ASN A 292 3.84 14.92 -14.76
C ASN A 292 3.52 16.07 -13.80
N GLY A 293 2.29 16.56 -13.78
CA GLY A 293 1.99 17.74 -12.99
C GLY A 293 1.87 17.45 -11.51
N TYR A 294 1.93 18.52 -10.72
CA TYR A 294 1.70 18.38 -9.29
C TYR A 294 1.38 19.74 -8.69
N PHE A 295 0.86 19.69 -7.47
CA PHE A 295 0.50 20.89 -6.72
C PHE A 295 1.72 21.49 -6.03
N ARG A 296 1.81 22.81 -6.11
CA ARG A 296 2.86 23.60 -5.49
C ARG A 296 2.20 24.60 -4.55
N PHE A 297 2.63 24.61 -3.29
CA PHE A 297 2.16 25.61 -2.33
C PHE A 297 2.73 26.97 -2.65
N ASP A 298 1.86 27.98 -2.79
CA ASP A 298 2.31 29.31 -3.14
C ASP A 298 2.19 30.32 -2.00
N SER A 299 1.10 30.34 -1.25
CA SER A 299 0.98 31.32 -0.17
C SER A 299 -0.23 30.98 0.70
N TRP A 300 -0.28 31.62 1.87
CA TRP A 300 -1.44 31.49 2.74
C TRP A 300 -2.42 32.62 2.44
N VAL A 301 -3.68 32.26 2.18
CA VAL A 301 -4.71 33.24 1.85
C VAL A 301 -5.91 33.05 2.78
N SER A 302 -6.98 33.78 2.53
CA SER A 302 -8.19 33.69 3.33
C SER A 302 -9.22 32.81 2.63
N GLN A 303 -10.25 32.42 3.39
CA GLN A 303 -11.38 31.72 2.79
C GLN A 303 -12.09 32.58 1.75
N PHE A 304 -11.90 33.89 1.80
CA PHE A 304 -12.51 34.83 0.86
C PHE A 304 -11.73 35.00 -0.43
N TYR A 305 -10.58 34.33 -0.58
CA TYR A 305 -9.81 34.43 -1.80
C TYR A 305 -10.62 33.91 -2.98
N SER A 306 -10.72 34.69 -4.04
CA SER A 306 -11.46 34.30 -5.23
CA SER A 306 -11.46 34.30 -5.23
C SER A 306 -10.52 33.58 -6.18
N LEU A 307 -10.74 32.28 -6.40
CA LEU A 307 -9.87 31.56 -7.30
C LEU A 307 -10.15 31.91 -8.75
N ALA A 308 -9.11 31.82 -9.57
CA ALA A 308 -9.29 31.92 -11.01
C ALA A 308 -10.09 30.72 -11.51
N PRO A 309 -11.13 30.91 -12.32
CA PRO A 309 -11.94 29.77 -12.77
C PRO A 309 -11.08 28.66 -13.37
N MET A 310 -11.46 27.43 -13.05
CA MET A 310 -10.63 26.26 -13.37
C MET A 310 -10.65 25.99 -14.86
N SER B 1 24.73 20.66 0.87
CA SER B 1 24.30 21.82 1.65
C SER B 1 22.93 21.56 2.27
N LYS B 2 22.05 20.90 1.53
CA LYS B 2 20.73 20.56 2.05
C LYS B 2 20.85 19.46 3.10
N PRO B 3 20.33 19.67 4.30
CA PRO B 3 20.53 18.66 5.36
C PRO B 3 19.80 17.37 5.06
N PHE B 4 20.39 16.27 5.52
CA PHE B 4 19.83 14.94 5.37
C PHE B 4 19.00 14.62 6.60
N THR B 5 17.79 14.09 6.40
CA THR B 5 16.90 13.75 7.49
C THR B 5 16.27 12.38 7.27
N ILE B 6 15.88 11.77 8.39
CA ILE B 6 15.14 10.50 8.39
C ILE B 6 13.73 10.74 8.93
N PRO B 7 12.71 10.09 8.34
CA PRO B 7 11.35 10.23 8.87
C PRO B 7 11.24 9.77 10.31
N ILE B 8 10.29 10.36 11.04
CA ILE B 8 10.12 10.05 12.46
C ILE B 8 9.06 8.96 12.66
N LEU B 9 8.70 8.27 11.57
CA LEU B 9 7.67 7.24 11.65
C LEU B 9 8.13 6.03 12.47
N THR B 10 7.21 5.48 13.25
CA THR B 10 7.52 4.27 13.99
C THR B 10 7.43 3.06 13.05
N ILE B 11 7.93 1.92 13.53
CA ILE B 11 7.96 0.70 12.73
C ILE B 11 6.55 0.34 12.27
N GLY B 12 5.59 0.34 13.18
CA GLY B 12 4.22 0.00 12.81
C GLY B 12 3.54 1.01 11.90
N GLU B 13 4.16 2.18 11.68
CA GLU B 13 3.64 3.20 10.77
C GLU B 13 4.30 3.15 9.40
N MET B 14 4.97 2.06 9.06
CA MET B 14 5.72 2.01 7.81
C MET B 14 5.50 0.69 7.10
N THR B 15 5.89 0.67 5.84
CA THR B 15 5.54 -0.40 4.93
C THR B 15 6.80 -1.10 4.44
N ASN B 16 6.74 -2.42 4.35
CA ASN B 16 7.82 -3.18 3.72
C ASN B 16 7.95 -2.73 2.27
N SER B 17 9.19 -2.49 1.82
CA SER B 17 9.43 -2.04 0.45
C SER B 17 9.61 -3.21 -0.53
N ARG B 18 9.51 -4.45 -0.05
CA ARG B 18 9.54 -5.59 -0.97
C ARG B 18 8.23 -6.33 -1.04
N PHE B 19 7.23 -5.93 -0.24
CA PHE B 19 5.93 -6.57 -0.30
C PHE B 19 4.93 -5.65 0.38
N PRO B 20 3.74 -5.45 -0.18
CA PRO B 20 2.88 -4.34 0.35
C PRO B 20 2.14 -4.72 1.64
N VAL B 21 2.89 -4.74 2.74
CA VAL B 21 2.38 -5.04 4.08
C VAL B 21 3.15 -4.18 5.06
N ALA B 22 2.53 -3.92 6.21
CA ALA B 22 3.20 -3.20 7.28
C ALA B 22 4.45 -3.96 7.73
N ILE B 23 5.43 -3.21 8.22
CA ILE B 23 6.60 -3.81 8.82
C ILE B 23 6.23 -4.38 10.19
N ASP B 24 6.63 -5.63 10.44
CA ASP B 24 6.33 -6.25 11.74
C ASP B 24 7.42 -6.03 12.78
N MET B 25 8.70 -6.01 12.39
CA MET B 25 9.77 -5.97 13.37
C MET B 25 11.07 -5.60 12.68
N LEU B 26 12.04 -5.16 13.48
CA LEU B 26 13.43 -5.10 13.03
C LEU B 26 14.06 -6.46 13.24
N HIS B 27 14.98 -6.84 12.36
CA HIS B 27 15.61 -8.14 12.54
C HIS B 27 17.02 -8.14 11.96
N THR B 28 17.91 -8.93 12.58
CA THR B 28 19.27 -9.04 12.09
C THR B 28 19.67 -10.50 12.11
N SER B 29 20.56 -10.88 11.20
CA SER B 29 21.07 -12.24 11.14
C SER B 29 22.33 -12.24 10.28
N PRO B 30 23.19 -13.24 10.42
CA PRO B 30 24.32 -13.37 9.48
CA PRO B 30 24.32 -13.37 9.48
C PRO B 30 23.80 -13.66 8.08
N THR B 31 24.42 -13.02 7.09
CA THR B 31 23.98 -13.18 5.71
C THR B 31 25.17 -13.40 4.78
N ASP B 32 26.36 -13.62 5.31
CA ASP B 32 27.52 -13.74 4.44
C ASP B 32 27.43 -14.95 3.53
N ASN B 33 26.54 -15.91 3.82
CA ASN B 33 26.38 -17.03 2.91
C ASN B 33 25.26 -16.82 1.91
N PHE B 34 24.60 -15.66 1.93
CA PHE B 34 23.65 -15.26 0.90
C PHE B 34 24.26 -14.20 0.01
N ILE B 35 23.65 -14.01 -1.15
CA ILE B 35 23.91 -12.86 -2.01
C ILE B 35 22.71 -11.94 -1.84
N VAL B 36 22.88 -10.86 -1.07
CA VAL B 36 21.77 -10.02 -0.66
C VAL B 36 21.62 -8.92 -1.72
N GLN B 37 20.73 -9.16 -2.68
CA GLN B 37 20.67 -8.28 -3.84
C GLN B 37 19.19 -8.01 -4.20
N PRO B 38 18.35 -7.62 -3.25
CA PRO B 38 16.96 -7.30 -3.59
C PRO B 38 16.88 -6.18 -4.64
N GLN B 39 15.81 -6.21 -5.44
CA GLN B 39 15.61 -5.20 -6.47
C GLN B 39 14.47 -4.23 -6.17
N ASN B 40 13.52 -4.62 -5.33
CA ASN B 40 12.58 -3.68 -4.77
C ASN B 40 13.11 -3.13 -3.45
N GLY B 41 12.65 -1.94 -3.09
CA GLY B 41 13.16 -1.35 -1.87
C GLY B 41 14.58 -0.84 -1.95
N ARG B 42 15.01 -0.36 -3.11
CA ARG B 42 16.38 0.09 -3.31
C ARG B 42 16.37 1.58 -3.61
N CYS B 43 17.05 2.37 -2.76
CA CYS B 43 17.14 3.81 -3.00
C CYS B 43 18.35 4.33 -2.25
N THR B 44 19.18 5.14 -2.92
CA THR B 44 20.32 5.76 -2.25
C THR B 44 19.83 6.83 -1.29
N LEU B 45 20.70 7.25 -0.36
CA LEU B 45 20.28 8.25 0.61
C LEU B 45 20.04 9.60 -0.06
N ASP B 46 20.68 9.86 -1.19
CA ASP B 46 20.40 11.09 -1.90
C ASP B 46 19.28 10.93 -2.92
N GLY B 47 18.52 9.83 -2.86
CA GLY B 47 17.23 9.74 -3.53
C GLY B 47 17.21 9.09 -4.90
N GLU B 48 18.19 8.27 -5.24
CA GLU B 48 18.23 7.62 -6.55
C GLU B 48 17.60 6.24 -6.41
N LEU B 49 16.45 6.04 -7.06
CA LEU B 49 15.81 4.72 -7.08
C LEU B 49 16.60 3.76 -7.92
N GLN B 50 16.62 2.49 -7.52
CA GLN B 50 17.42 1.49 -8.22
C GLN B 50 16.64 0.20 -8.42
N GLY B 51 17.19 -0.69 -9.27
CA GLY B 51 16.54 -1.99 -9.45
C GLY B 51 15.16 -1.79 -10.05
N THR B 52 14.16 -2.49 -9.50
CA THR B 52 12.78 -2.34 -9.96
C THR B 52 11.95 -1.45 -9.04
N THR B 53 12.62 -0.61 -8.24
CA THR B 53 11.93 0.13 -7.19
C THR B 53 11.14 1.28 -7.80
N GLN B 54 9.89 1.41 -7.37
CA GLN B 54 9.04 2.55 -7.70
C GLN B 54 8.42 3.05 -6.39
N LEU B 55 7.56 4.06 -6.47
CA LEU B 55 7.23 4.83 -5.28
C LEU B 55 5.91 4.42 -4.60
N VAL B 56 5.06 3.63 -5.25
CA VAL B 56 3.74 3.31 -4.72
C VAL B 56 3.83 1.95 -4.02
N ALA B 57 3.65 1.91 -2.70
CA ALA B 57 3.74 0.62 -2.01
C ALA B 57 2.75 -0.38 -2.61
N SER B 58 1.55 0.10 -2.95
CA SER B 58 0.50 -0.79 -3.45
C SER B 58 0.80 -1.40 -4.80
N ASN B 59 1.85 -0.94 -5.49
CA ASN B 59 2.26 -1.53 -6.75
C ASN B 59 3.42 -2.53 -6.60
N ILE B 60 3.91 -2.74 -5.38
CA ILE B 60 4.98 -3.71 -5.18
C ILE B 60 4.41 -5.11 -5.34
N CYS B 61 5.03 -5.91 -6.20
CA CYS B 61 4.57 -7.28 -6.50
C CYS B 61 3.20 -7.30 -7.14
N ALA B 62 2.82 -6.18 -7.73
CA ALA B 62 1.61 -6.06 -8.55
C ALA B 62 1.98 -6.10 -10.03
N PHE B 63 1.00 -6.49 -10.85
CA PHE B 63 1.17 -6.43 -12.30
C PHE B 63 -0.09 -5.82 -12.90
N ARG B 64 0.11 -5.11 -14.01
CA ARG B 64 -0.97 -4.53 -14.80
C ARG B 64 -0.74 -4.92 -16.27
N GLY B 65 -1.82 -5.17 -16.99
CA GLY B 65 -1.72 -5.45 -18.41
C GLY B 65 -2.99 -6.12 -18.92
N SER B 66 -2.84 -7.25 -19.60
CA SER B 66 -3.97 -7.91 -20.20
C SER B 66 -3.64 -9.39 -20.38
N ILE B 67 -4.69 -10.22 -20.46
CA ILE B 67 -4.51 -11.65 -20.73
C ILE B 67 -4.64 -11.89 -22.22
N SER B 68 -3.74 -12.72 -22.77
CA SER B 68 -3.80 -13.15 -24.16
CA SER B 68 -3.83 -13.15 -24.16
C SER B 68 -3.85 -14.68 -24.20
N GLY B 69 -4.99 -15.26 -23.83
CA GLY B 69 -5.15 -16.69 -23.91
C GLY B 69 -4.18 -17.46 -23.03
N HIS B 70 -3.95 -18.70 -23.43
CA HIS B 70 -3.03 -19.62 -22.77
C HIS B 70 -1.61 -19.48 -23.33
N GLU B 71 -0.63 -20.05 -22.61
CA GLU B 71 0.73 -20.10 -23.12
C GLU B 71 0.88 -21.23 -24.15
N ASN B 72 2.05 -21.26 -24.82
CA ASN B 72 2.26 -22.09 -25.99
C ASN B 72 2.20 -23.59 -25.73
N ASN B 73 2.12 -24.04 -24.47
CA ASN B 73 1.99 -25.47 -24.22
C ASN B 73 1.29 -25.75 -22.91
N GLY B 74 1.19 -24.74 -22.05
CA GLY B 74 0.69 -24.93 -20.70
C GLY B 74 -0.74 -25.42 -20.56
N ASP B 75 -1.15 -25.61 -19.32
CA ASP B 75 -2.48 -26.10 -19.00
C ASP B 75 -3.56 -25.18 -19.54
N GLN B 76 -4.78 -25.72 -19.58
CA GLN B 76 -5.93 -24.85 -19.62
C GLN B 76 -6.09 -24.04 -18.34
N HIS B 77 -5.23 -24.25 -17.33
CA HIS B 77 -5.25 -23.43 -16.13
C HIS B 77 -4.14 -22.39 -16.10
N GLN B 78 -3.39 -22.24 -17.18
CA GLN B 78 -2.29 -21.28 -17.21
C GLN B 78 -2.56 -20.26 -18.31
N TRP B 79 -2.27 -19.00 -18.01
CA TRP B 79 -2.69 -17.90 -18.87
C TRP B 79 -1.50 -16.99 -19.15
N HIS B 80 -1.49 -16.43 -20.36
CA HIS B 80 -0.41 -15.53 -20.78
C HIS B 80 -0.80 -14.11 -20.38
N PHE B 81 -0.11 -13.58 -19.37
CA PHE B 81 -0.39 -12.26 -18.80
C PHE B 81 0.61 -11.28 -19.42
N SER B 82 0.19 -10.56 -20.45
CA SER B 82 1.01 -9.47 -20.98
C SER B 82 0.99 -8.30 -20.00
N ILE B 83 2.18 -7.79 -19.66
CA ILE B 83 2.26 -6.79 -18.61
C ILE B 83 2.84 -5.50 -19.17
N THR B 84 2.41 -4.39 -18.61
CA THR B 84 2.86 -3.05 -18.97
C THR B 84 3.60 -2.43 -17.80
N ASN B 85 4.02 -1.19 -17.98
CA ASN B 85 4.44 -0.38 -16.84
C ASN B 85 3.24 -0.20 -15.91
N PRO B 86 3.48 0.05 -14.62
CA PRO B 86 2.36 0.30 -13.69
C PRO B 86 1.44 1.46 -14.10
N ASN B 87 1.81 2.29 -15.07
CA ASN B 87 1.00 3.42 -15.50
C ASN B 87 0.22 3.15 -16.79
N GLY B 88 0.45 2.02 -17.44
CA GLY B 88 -0.27 1.64 -18.64
C GLY B 88 0.53 1.71 -19.91
N THR B 89 1.65 2.44 -19.92
CA THR B 89 2.48 2.53 -21.11
C THR B 89 3.23 1.22 -21.33
N PRO B 90 3.55 0.89 -22.57
CA PRO B 90 4.32 -0.33 -22.83
C PRO B 90 5.67 -0.30 -22.11
N PHE B 91 6.08 -1.46 -21.61
CA PHE B 91 7.37 -1.56 -20.95
C PHE B 91 8.48 -1.60 -22.01
N ASP B 92 9.47 -0.70 -21.86
CA ASP B 92 10.58 -0.61 -22.80
C ASP B 92 11.78 -1.42 -22.28
N PRO B 93 12.04 -2.62 -22.81
CA PRO B 93 13.18 -3.41 -22.30
C PRO B 93 14.53 -2.84 -22.65
N THR B 94 14.62 -1.87 -23.56
CA THR B 94 15.93 -1.34 -23.92
C THR B 94 16.49 -0.42 -22.84
N GLU B 95 15.67 0.01 -21.89
CA GLU B 95 16.22 0.67 -20.71
C GLU B 95 16.90 -0.35 -19.82
N ASP B 96 17.95 0.08 -19.13
CA ASP B 96 18.69 -0.81 -18.24
CA ASP B 96 18.70 -0.80 -18.23
C ASP B 96 18.00 -0.87 -16.88
N VAL B 97 16.80 -1.45 -16.91
CA VAL B 97 16.03 -1.76 -15.71
C VAL B 97 15.83 -3.27 -15.77
N PRO B 98 15.81 -3.97 -14.65
CA PRO B 98 15.75 -5.44 -14.72
C PRO B 98 14.43 -5.95 -15.25
N ALA B 99 13.34 -5.21 -15.04
CA ALA B 99 11.98 -5.67 -15.30
C ALA B 99 11.02 -4.52 -15.04
N PRO B 100 9.74 -4.64 -15.41
CA PRO B 100 8.77 -3.60 -15.05
C PRO B 100 8.82 -3.31 -13.55
N LEU B 101 8.69 -2.03 -13.20
CA LEU B 101 8.84 -1.63 -11.81
C LEU B 101 7.83 -2.38 -10.96
N GLY B 102 8.27 -2.80 -9.77
CA GLY B 102 7.42 -3.54 -8.86
C GLY B 102 7.43 -5.05 -9.04
N THR B 103 8.02 -5.56 -10.12
CA THR B 103 8.11 -7.00 -10.35
C THR B 103 8.70 -7.67 -9.10
N PRO B 104 8.18 -8.83 -8.66
CA PRO B 104 8.80 -9.51 -7.52
C PRO B 104 10.27 -9.78 -7.75
N ASP B 105 11.04 -9.79 -6.65
CA ASP B 105 12.49 -9.89 -6.71
C ASP B 105 12.99 -11.12 -5.98
N PHE B 106 12.17 -12.16 -5.91
CA PHE B 106 12.51 -13.40 -5.22
C PHE B 106 12.02 -14.57 -6.05
N LYS B 107 12.63 -15.73 -5.78
CA LYS B 107 12.15 -16.99 -6.31
C LYS B 107 11.04 -17.52 -5.40
N GLY B 108 9.85 -17.71 -5.96
CA GLY B 108 8.78 -18.27 -5.18
C GLY B 108 7.47 -18.24 -5.95
N GLN B 109 6.41 -18.61 -5.25
CA GLN B 109 5.07 -18.71 -5.85
C GLN B 109 4.23 -17.54 -5.35
N LEU B 110 4.11 -16.51 -6.18
CA LEU B 110 3.43 -15.27 -5.77
C LEU B 110 1.93 -15.49 -5.89
N TYR B 111 1.21 -15.35 -4.78
CA TYR B 111 -0.21 -15.66 -4.71
C TYR B 111 -1.01 -14.36 -4.58
N GLY B 112 -2.09 -14.25 -5.34
CA GLY B 112 -2.89 -13.05 -5.18
C GLY B 112 -4.17 -13.19 -5.97
N VAL B 113 -4.74 -12.08 -6.41
CA VAL B 113 -6.00 -12.10 -7.15
C VAL B 113 -5.79 -11.38 -8.46
N ILE B 114 -6.21 -12.02 -9.56
CA ILE B 114 -6.26 -11.34 -10.86
C ILE B 114 -7.67 -10.82 -11.08
N SER B 115 -7.79 -9.52 -11.37
CA SER B 115 -9.06 -8.87 -11.62
C SER B 115 -9.09 -8.39 -13.07
N GLN B 116 -10.25 -8.48 -13.70
CA GLN B 116 -10.42 -8.04 -15.07
C GLN B 116 -11.63 -7.13 -15.15
N ARG B 117 -11.53 -6.11 -16.00
CA ARG B 117 -12.69 -5.30 -16.40
C ARG B 117 -12.67 -5.18 -17.90
N ASN B 118 -13.76 -5.58 -18.56
CA ASN B 118 -13.75 -5.68 -20.02
C ASN B 118 -13.52 -4.32 -20.66
N ARG B 119 -12.90 -4.33 -21.85
CA ARG B 119 -12.72 -3.07 -22.54
C ARG B 119 -13.99 -2.65 -23.25
N GLU B 120 -14.78 -3.62 -23.70
CA GLU B 120 -16.05 -3.43 -24.41
C GLU B 120 -15.88 -2.82 -25.79
N GLY B 121 -16.80 -3.15 -26.70
CA GLY B 121 -16.59 -2.94 -28.11
C GLY B 121 -17.66 -2.15 -28.83
N SER B 122 -18.69 -2.83 -29.34
CA SER B 122 -19.63 -2.25 -30.28
C SER B 122 -20.70 -1.37 -29.63
N SER B 123 -20.79 -1.36 -28.30
CA SER B 123 -21.75 -0.49 -27.61
CA SER B 123 -21.74 -0.50 -27.60
C SER B 123 -21.02 0.70 -27.00
N GLY B 124 -21.06 0.82 -25.67
CA GLY B 124 -20.34 1.91 -25.03
C GLY B 124 -20.89 2.33 -23.69
N ASN B 125 -20.11 2.08 -22.62
CA ASN B 125 -20.36 2.56 -21.26
C ASN B 125 -19.31 2.00 -20.30
N GLY B 126 -18.81 2.81 -19.37
CA GLY B 126 -18.05 2.27 -18.26
C GLY B 126 -18.92 1.50 -17.28
N ASN B 127 -20.15 1.99 -17.07
CA ASN B 127 -21.14 1.06 -16.58
C ASN B 127 -21.35 0.00 -17.65
N GLN B 128 -22.00 -1.09 -17.28
CA GLN B 128 -22.17 -2.16 -18.25
C GLN B 128 -20.85 -2.90 -18.55
N LYS B 129 -19.66 -2.43 -18.12
CA LYS B 129 -18.47 -3.25 -18.34
C LYS B 129 -18.49 -4.45 -17.38
N ALA B 130 -18.27 -5.64 -17.94
CA ALA B 130 -18.22 -6.85 -17.13
C ALA B 130 -16.91 -6.93 -16.35
N ASN B 131 -17.00 -7.51 -15.14
CA ASN B 131 -15.87 -7.71 -14.24
C ASN B 131 -15.79 -9.16 -13.83
N ARG B 132 -14.57 -9.62 -13.56
CA ARG B 132 -14.36 -10.91 -12.89
C ARG B 132 -13.01 -10.88 -12.19
N SER B 133 -12.96 -11.49 -11.01
CA SER B 133 -11.72 -11.70 -10.29
C SER B 133 -11.62 -13.15 -9.84
N HIS B 134 -10.39 -13.67 -9.78
CA HIS B 134 -10.13 -15.02 -9.28
C HIS B 134 -8.77 -15.06 -8.62
N GLU B 135 -8.62 -16.01 -7.69
CA GLU B 135 -7.30 -16.25 -7.15
C GLU B 135 -6.38 -16.77 -8.24
N GLY B 136 -5.09 -16.44 -8.13
CA GLY B 136 -4.13 -16.97 -9.07
C GLY B 136 -2.74 -16.96 -8.47
N VAL B 137 -1.84 -17.68 -9.16
CA VAL B 137 -0.45 -17.81 -8.71
C VAL B 137 0.47 -17.47 -9.87
N ILE B 138 1.44 -16.60 -9.62
CA ILE B 138 2.48 -16.27 -10.58
C ILE B 138 3.79 -16.87 -10.06
N SER B 139 4.24 -17.96 -10.71
CA SER B 139 5.52 -18.60 -10.32
C SER B 139 6.65 -17.78 -10.89
N THR B 140 7.56 -17.28 -10.03
CA THR B 140 8.64 -16.46 -10.56
C THR B 140 9.81 -17.32 -11.06
N VAL B 141 9.70 -18.65 -10.98
CA VAL B 141 10.70 -19.56 -11.52
C VAL B 141 10.20 -20.31 -12.74
N ALA B 142 8.98 -20.01 -13.20
CA ALA B 142 8.44 -20.72 -14.35
C ALA B 142 9.20 -20.31 -15.62
N PRO B 143 9.36 -21.23 -16.58
CA PRO B 143 9.99 -20.83 -17.85
C PRO B 143 9.32 -19.63 -18.49
N ARG B 144 8.01 -19.47 -18.31
CA ARG B 144 7.28 -18.37 -18.91
C ARG B 144 7.18 -17.15 -18.00
N PHE B 145 7.94 -17.13 -16.90
CA PHE B 145 8.08 -15.90 -16.12
C PHE B 145 9.13 -15.06 -16.81
N THR B 146 8.69 -14.18 -17.71
CA THR B 146 9.62 -13.37 -18.52
C THR B 146 9.21 -11.90 -18.48
N PRO B 147 9.11 -11.30 -17.29
CA PRO B 147 8.59 -9.92 -17.20
C PRO B 147 9.39 -8.91 -17.98
N LYS B 148 10.71 -9.08 -18.06
CA LYS B 148 11.54 -8.17 -18.84
C LYS B 148 11.16 -8.20 -20.33
N LEU B 149 10.64 -9.33 -20.80
CA LEU B 149 10.17 -9.49 -22.16
C LEU B 149 8.69 -9.13 -22.32
N GLY B 150 8.05 -8.66 -21.25
CA GLY B 150 6.68 -8.18 -21.31
C GLY B 150 5.58 -9.16 -20.96
N SER B 151 5.89 -10.31 -20.34
CA SER B 151 4.80 -11.22 -20.00
C SER B 151 5.20 -12.13 -18.84
N VAL B 152 4.20 -12.53 -18.05
CA VAL B 152 4.37 -13.60 -17.08
C VAL B 152 3.22 -14.59 -17.28
N MET B 153 3.40 -15.78 -16.72
CA MET B 153 2.34 -16.79 -16.75
C MET B 153 1.63 -16.80 -15.40
N ILE B 154 0.30 -16.81 -15.42
CA ILE B 154 -0.49 -16.90 -14.19
C ILE B 154 -1.33 -18.18 -14.24
N GLY B 155 -1.33 -18.92 -13.14
CA GLY B 155 -2.12 -20.12 -13.00
C GLY B 155 -3.34 -19.88 -12.13
N THR B 156 -4.46 -20.43 -12.53
CA THR B 156 -5.65 -20.42 -11.71
C THR B 156 -6.02 -21.87 -11.46
N TRP B 157 -6.93 -22.12 -10.53
CA TRP B 157 -6.97 -23.53 -10.14
C TRP B 157 -7.91 -24.33 -11.04
N THR B 158 -9.13 -24.55 -10.58
CA THR B 158 -10.14 -25.15 -11.44
C THR B 158 -10.82 -24.12 -12.32
N THR B 159 -10.43 -22.85 -12.20
CA THR B 159 -11.17 -21.78 -12.84
C THR B 159 -10.75 -21.62 -14.29
N ASP B 160 -11.76 -21.54 -15.18
CA ASP B 160 -11.49 -21.21 -16.58
CA ASP B 160 -11.56 -21.25 -16.60
C ASP B 160 -12.16 -19.90 -16.99
N ASP B 161 -12.66 -19.15 -16.03
CA ASP B 161 -13.37 -17.89 -16.22
C ASP B 161 -12.37 -16.72 -16.24
N ILE B 162 -11.49 -16.73 -17.24
CA ILE B 162 -10.45 -15.72 -17.46
C ILE B 162 -10.49 -15.31 -18.93
N GLN B 163 -10.75 -14.04 -19.20
CA GLN B 163 -10.94 -13.59 -20.59
C GLN B 163 -9.73 -12.81 -21.09
N ASP B 164 -9.72 -12.56 -22.40
CA ASP B 164 -8.63 -11.79 -23.03
C ASP B 164 -8.96 -10.31 -22.88
N GLN B 165 -8.73 -9.79 -21.67
CA GLN B 165 -9.20 -8.47 -21.25
C GLN B 165 -8.17 -7.78 -20.37
N PRO B 166 -8.32 -6.46 -20.15
CA PRO B 166 -7.41 -5.76 -19.23
C PRO B 166 -7.45 -6.40 -17.85
N SER B 167 -6.27 -6.55 -17.26
CA SER B 167 -6.14 -7.34 -16.05
C SER B 167 -5.16 -6.68 -15.10
N ARG B 168 -5.39 -6.88 -13.82
CA ARG B 168 -4.48 -6.42 -12.79
C ARG B 168 -4.33 -7.51 -11.76
N PHE B 169 -3.12 -7.65 -11.22
CA PHE B 169 -2.85 -8.65 -10.20
C PHE B 169 -2.55 -7.95 -8.88
N THR B 170 -3.37 -8.24 -7.86
CA THR B 170 -3.15 -7.70 -6.52
C THR B 170 -2.50 -8.79 -5.69
N PRO B 171 -1.28 -8.59 -5.20
CA PRO B 171 -0.60 -9.65 -4.44
C PRO B 171 -1.24 -9.78 -3.06
N VAL B 172 -1.23 -11.02 -2.54
CA VAL B 172 -1.66 -11.30 -1.17
C VAL B 172 -0.55 -11.95 -0.35
N GLY B 173 0.17 -12.91 -0.93
CA GLY B 173 1.27 -13.56 -0.23
C GLY B 173 1.90 -14.62 -1.10
N LEU B 174 2.18 -15.79 -0.53
CA LEU B 174 2.83 -16.90 -1.24
C LEU B 174 1.84 -18.06 -1.35
N ASN B 175 1.93 -18.84 -2.43
CA ASN B 175 1.05 -20.00 -2.50
C ASN B 175 1.43 -21.05 -1.46
N ASP B 176 2.72 -21.15 -1.18
CA ASP B 176 3.34 -22.13 -0.31
C ASP B 176 4.75 -21.60 -0.13
N ASP B 177 5.52 -22.20 0.77
CA ASP B 177 6.91 -21.75 0.82
C ASP B 177 7.90 -22.89 0.65
N ASP B 178 7.54 -23.87 -0.19
CA ASP B 178 8.40 -25.03 -0.44
C ASP B 178 9.77 -24.61 -0.95
N ASN B 179 9.81 -23.65 -1.86
CA ASN B 179 11.07 -23.24 -2.47
C ASN B 179 11.17 -21.72 -2.53
N TYR B 180 10.62 -21.06 -1.52
CA TYR B 180 10.66 -19.60 -1.43
C TYR B 180 12.06 -19.16 -0.99
N LYS B 181 12.76 -18.41 -1.85
CA LYS B 181 14.15 -18.02 -1.61
C LYS B 181 14.21 -16.50 -1.78
N GLN B 182 14.15 -15.76 -0.66
CA GLN B 182 14.04 -14.31 -0.76
C GLN B 182 15.31 -13.65 -1.26
N TRP B 183 16.47 -14.33 -1.19
CA TRP B 183 17.74 -13.79 -1.66
C TRP B 183 18.20 -14.47 -2.93
N GLU B 184 17.27 -14.99 -3.72
CA GLU B 184 17.59 -15.52 -5.04
C GLU B 184 16.71 -14.78 -6.03
N LEU B 185 17.35 -14.11 -7.01
CA LEU B 185 16.58 -13.35 -7.99
C LEU B 185 15.97 -14.29 -9.04
N PRO B 186 14.76 -13.99 -9.50
CA PRO B 186 14.24 -14.70 -10.68
C PRO B 186 15.06 -14.35 -11.92
N ASN B 187 14.87 -15.15 -12.97
CA ASN B 187 15.42 -14.82 -14.27
C ASN B 187 14.38 -13.98 -15.00
N TYR B 188 14.61 -12.66 -15.02
CA TYR B 188 13.57 -11.75 -15.51
C TYR B 188 13.29 -11.92 -17.00
N SER B 189 14.21 -12.54 -17.75
CA SER B 189 13.99 -12.79 -19.17
C SER B 189 13.91 -14.27 -19.50
N GLY B 190 13.77 -15.12 -18.48
CA GLY B 190 13.63 -16.55 -18.70
C GLY B 190 14.94 -17.33 -18.59
N ALA B 191 14.83 -18.63 -18.86
CA ALA B 191 15.94 -19.54 -18.61
C ALA B 191 17.14 -19.11 -19.43
N LEU B 192 18.33 -19.16 -18.80
CA LEU B 192 19.60 -19.03 -19.49
C LEU B 192 19.81 -17.65 -20.14
N THR B 193 19.30 -16.59 -19.50
CA THR B 193 19.44 -15.22 -20.00
C THR B 193 20.05 -14.33 -18.92
N LEU B 194 20.50 -13.14 -19.32
CA LEU B 194 21.25 -12.24 -18.44
C LEU B 194 20.36 -11.15 -17.84
N ASN B 195 20.30 -11.09 -16.51
CA ASN B 195 19.70 -9.95 -15.82
C ASN B 195 20.60 -8.74 -15.96
N MET B 196 20.04 -7.62 -16.38
CA MET B 196 20.79 -6.38 -16.57
CA MET B 196 20.80 -6.39 -16.56
C MET B 196 20.15 -5.26 -15.76
N GLY B 197 20.94 -4.24 -15.48
CA GLY B 197 20.46 -3.08 -14.74
C GLY B 197 20.16 -3.31 -13.27
N LEU B 198 20.74 -4.34 -12.66
CA LEU B 198 20.43 -4.67 -11.28
C LEU B 198 21.01 -3.65 -10.29
N ALA B 199 20.27 -3.40 -9.22
CA ALA B 199 20.84 -2.75 -8.05
C ALA B 199 21.89 -3.69 -7.43
N PRO B 200 22.98 -3.17 -6.89
CA PRO B 200 24.08 -4.06 -6.46
C PRO B 200 23.74 -4.82 -5.18
N SER B 201 24.50 -5.90 -4.98
CA SER B 201 24.40 -6.61 -3.72
C SER B 201 24.98 -5.74 -2.62
N VAL B 202 24.51 -5.97 -1.40
CA VAL B 202 24.97 -5.22 -0.22
C VAL B 202 25.52 -6.21 0.78
N PHE B 203 26.48 -5.77 1.59
CA PHE B 203 27.05 -6.68 2.57
C PHE B 203 27.76 -5.86 3.62
N PRO B 204 27.79 -6.33 4.87
CA PRO B 204 28.64 -5.68 5.87
C PRO B 204 30.10 -5.93 5.56
N THR B 205 30.92 -4.89 5.70
CA THR B 205 32.36 -5.03 5.52
C THR B 205 33.15 -4.88 6.81
N TYR B 206 32.66 -4.05 7.72
CA TYR B 206 33.35 -3.78 8.97
C TYR B 206 33.22 -4.99 9.90
N PRO B 207 34.27 -5.35 10.64
CA PRO B 207 34.22 -6.57 11.46
C PRO B 207 33.20 -6.45 12.58
N GLY B 208 32.43 -7.52 12.76
CA GLY B 208 31.43 -7.57 13.80
C GLY B 208 30.06 -7.03 13.41
N GLU B 209 29.89 -6.56 12.18
CA GLU B 209 28.62 -6.02 11.74
C GLU B 209 27.79 -7.03 10.95
N GLN B 210 26.47 -6.87 11.07
CA GLN B 210 25.48 -7.58 10.26
C GLN B 210 24.56 -6.57 9.61
N LEU B 211 23.87 -7.01 8.55
CA LEU B 211 22.81 -6.16 8.02
C LEU B 211 21.65 -6.12 9.00
N LEU B 212 20.97 -4.97 9.07
CA LEU B 212 19.71 -4.82 9.77
CA LEU B 212 19.71 -4.83 9.78
C LEU B 212 18.59 -4.75 8.75
N PHE B 213 17.54 -5.54 8.96
CA PHE B 213 16.42 -5.58 8.04
C PHE B 213 15.14 -5.12 8.71
N PHE B 214 14.21 -4.63 7.88
CA PHE B 214 12.84 -4.41 8.28
C PHE B 214 12.03 -5.59 7.78
N ARG B 215 11.46 -6.37 8.70
CA ARG B 215 10.92 -7.69 8.38
C ARG B 215 9.39 -7.72 8.48
N SER B 216 8.75 -8.39 7.50
CA SER B 216 7.31 -8.66 7.56
C SER B 216 7.05 -10.13 7.27
N TYR B 217 6.15 -10.72 8.07
CA TYR B 217 5.69 -12.08 7.79
C TYR B 217 4.56 -11.97 6.78
N ILE B 218 4.48 -12.92 5.86
CA ILE B 218 3.51 -12.71 4.78
C ILE B 218 2.56 -13.91 4.69
N PRO B 219 1.33 -13.68 4.22
CA PRO B 219 0.31 -14.74 4.20
C PRO B 219 0.67 -15.87 3.23
N MET B 220 0.09 -17.05 3.48
CA MET B 220 0.20 -18.14 2.51
C MET B 220 -1.18 -18.69 2.16
N LYS B 221 -1.31 -19.15 0.89
CA LYS B 221 -2.54 -19.81 0.46
C LYS B 221 -2.75 -21.14 1.18
N GLY B 222 -1.69 -21.89 1.45
CA GLY B 222 -1.84 -23.19 2.07
C GLY B 222 -0.49 -23.68 2.55
N GLY B 223 -0.50 -24.87 3.19
CA GLY B 223 0.73 -25.46 3.67
C GLY B 223 1.19 -24.91 5.02
N TYR B 224 2.38 -25.37 5.43
CA TYR B 224 2.93 -25.11 6.75
C TYR B 224 4.07 -24.10 6.67
N GLY B 225 4.15 -23.22 7.68
CA GLY B 225 5.29 -22.33 7.70
C GLY B 225 4.96 -20.89 8.06
N SER B 226 6.01 -20.12 8.36
CA SER B 226 5.87 -18.71 8.73
C SER B 226 6.83 -17.90 7.88
N PRO B 227 6.56 -17.80 6.58
CA PRO B 227 7.49 -17.10 5.68
C PRO B 227 7.53 -15.61 5.98
N TYR B 228 8.69 -15.01 5.73
CA TYR B 228 8.88 -13.58 5.96
C TYR B 228 9.69 -13.01 4.81
N ILE B 229 9.69 -11.68 4.70
CA ILE B 229 10.49 -11.00 3.69
C ILE B 229 11.13 -9.78 4.34
N ASP B 230 12.43 -9.61 4.09
CA ASP B 230 13.26 -8.58 4.70
C ASP B 230 13.56 -7.52 3.66
N CYS B 231 13.25 -6.26 3.97
CA CYS B 231 13.67 -5.16 3.09
C CYS B 231 14.74 -4.31 3.75
N LEU B 232 15.48 -3.58 2.91
CA LEU B 232 16.66 -2.84 3.38
C LEU B 232 16.30 -1.53 4.08
N ILE B 233 15.34 -0.82 3.54
CA ILE B 233 14.77 0.37 4.17
C ILE B 233 13.28 0.42 3.85
N PRO B 234 12.49 1.03 4.73
CA PRO B 234 11.03 1.09 4.50
C PRO B 234 10.66 1.92 3.29
N GLN B 235 9.49 1.59 2.70
CA GLN B 235 9.00 2.33 1.54
C GLN B 235 8.89 3.83 1.83
N GLU B 236 8.46 4.18 3.04
CA GLU B 236 8.29 5.60 3.38
C GLU B 236 9.61 6.34 3.46
N TRP B 237 10.71 5.63 3.79
CA TRP B 237 12.02 6.25 3.72
C TRP B 237 12.40 6.50 2.26
N ILE B 238 12.09 5.55 1.39
CA ILE B 238 12.38 5.70 -0.03
C ILE B 238 11.69 6.92 -0.57
N SER B 239 10.38 7.07 -0.28
CA SER B 239 9.66 8.25 -0.74
CA SER B 239 9.66 8.25 -0.74
C SER B 239 10.28 9.52 -0.17
N HIS B 240 10.73 9.48 1.08
CA HIS B 240 11.33 10.65 1.71
C HIS B 240 12.67 11.02 1.07
N PHE B 241 13.57 10.05 0.91
CA PHE B 241 14.86 10.33 0.28
C PHE B 241 14.69 10.78 -1.16
N TYR B 242 13.75 10.16 -1.88
CA TYR B 242 13.50 10.54 -3.27
C TYR B 242 13.10 12.02 -3.38
N GLN B 243 12.26 12.49 -2.46
CA GLN B 243 11.81 13.89 -2.52
CA GLN B 243 11.83 13.88 -2.56
C GLN B 243 12.89 14.86 -2.04
N GLU B 244 13.58 14.52 -0.95
CA GLU B 244 14.53 15.46 -0.36
C GLU B 244 15.78 15.59 -1.21
N SER B 245 16.32 14.47 -1.70
CA SER B 245 17.55 14.46 -2.48
C SER B 245 18.68 15.19 -1.76
N ALA B 246 18.81 14.95 -0.46
CA ALA B 246 19.92 15.58 0.26
C ALA B 246 21.22 14.86 -0.07
N PRO B 247 22.30 15.59 -0.33
CA PRO B 247 23.58 14.93 -0.64
C PRO B 247 24.13 14.17 0.55
N SER B 248 24.74 13.03 0.27
CA SER B 248 25.44 12.25 1.29
C SER B 248 26.83 12.83 1.49
N GLN B 249 27.11 13.28 2.72
CA GLN B 249 28.39 13.92 3.01
C GLN B 249 29.52 12.92 3.17
N THR B 250 29.22 11.71 3.65
CA THR B 250 30.18 10.61 3.63
C THR B 250 29.46 9.36 3.16
N ASP B 251 30.12 8.21 3.24
CA ASP B 251 29.48 6.97 2.85
C ASP B 251 28.52 6.44 3.90
N VAL B 252 28.56 6.97 5.12
CA VAL B 252 27.80 6.39 6.23
C VAL B 252 27.19 7.51 7.07
N ALA B 253 25.88 7.44 7.25
CA ALA B 253 25.16 8.28 8.20
C ALA B 253 24.99 7.50 9.50
N LEU B 254 25.48 8.05 10.60
CA LEU B 254 25.29 7.44 11.90
C LEU B 254 23.86 7.73 12.37
N ILE B 255 23.12 6.68 12.72
CA ILE B 255 21.74 6.82 13.17
C ILE B 255 21.57 6.14 14.52
N ARG B 256 20.70 6.72 15.35
CA ARG B 256 20.42 6.23 16.69
C ARG B 256 18.93 5.91 16.78
N TYR B 257 18.61 4.74 17.29
CA TYR B 257 17.22 4.36 17.54
C TYR B 257 16.85 4.84 18.93
N VAL B 258 15.88 5.75 19.01
CA VAL B 258 15.62 6.48 20.24
C VAL B 258 14.18 6.25 20.69
N ASN B 259 14.01 6.17 21.99
CA ASN B 259 12.70 6.29 22.63
C ASN B 259 12.42 7.77 22.80
N PRO B 260 11.47 8.35 22.07
CA PRO B 260 11.26 9.81 22.15
C PRO B 260 10.76 10.26 23.51
N ASP B 261 10.10 9.39 24.28
CA ASP B 261 9.64 9.75 25.62
C ASP B 261 10.82 10.00 26.56
N THR B 262 11.76 9.06 26.64
CA THR B 262 12.86 9.08 27.60
C THR B 262 14.14 9.67 27.03
N GLY B 263 14.26 9.80 25.72
CA GLY B 263 15.52 10.16 25.10
C GLY B 263 16.55 9.07 25.11
N ARG B 264 16.26 7.91 25.70
CA ARG B 264 17.23 6.82 25.77
C ARG B 264 17.51 6.29 24.37
N VAL B 265 18.78 5.97 24.11
CA VAL B 265 19.19 5.37 22.85
C VAL B 265 19.19 3.85 23.02
N LEU B 266 18.35 3.17 22.24
CA LEU B 266 18.31 1.71 22.32
C LEU B 266 19.56 1.10 21.70
N PHE B 267 19.98 1.63 20.56
CA PHE B 267 21.20 1.15 19.89
C PHE B 267 21.52 2.15 18.79
N GLU B 268 22.72 2.01 18.21
CA GLU B 268 23.12 2.83 17.08
C GLU B 268 23.41 1.95 15.88
N ALA B 269 23.37 2.56 14.69
CA ALA B 269 23.56 1.81 13.47
C ALA B 269 24.21 2.69 12.41
N LYS B 270 24.67 2.06 11.33
CA LYS B 270 25.26 2.74 10.20
C LYS B 270 24.26 2.68 9.04
N LEU B 271 23.85 3.84 8.55
CA LEU B 271 22.99 3.93 7.38
C LEU B 271 23.87 4.26 6.18
N HIS B 272 24.09 3.27 5.33
CA HIS B 272 25.05 3.41 4.24
C HIS B 272 24.44 4.17 3.08
N ARG B 273 25.29 4.91 2.36
CA ARG B 273 24.77 5.79 1.31
C ARG B 273 24.04 5.01 0.22
N GLN B 274 24.35 3.72 0.07
CA GLN B 274 23.67 2.87 -0.90
C GLN B 274 22.23 2.53 -0.50
N GLY B 275 21.83 2.79 0.74
CA GLY B 275 20.47 2.57 1.18
C GLY B 275 20.26 1.28 1.96
N TYR B 276 21.10 1.02 2.97
CA TYR B 276 20.95 -0.16 3.80
C TYR B 276 21.65 0.10 5.12
N ILE B 277 21.35 -0.74 6.11
CA ILE B 277 21.77 -0.50 7.48
C ILE B 277 22.60 -1.66 8.00
N THR B 278 23.67 -1.36 8.76
CA THR B 278 24.40 -2.38 9.50
C THR B 278 24.45 -2.02 11.00
N VAL B 279 24.52 -3.07 11.82
CA VAL B 279 24.59 -2.96 13.27
C VAL B 279 25.71 -3.84 13.77
N ALA B 280 26.25 -3.52 14.96
CA ALA B 280 27.24 -4.38 15.60
C ALA B 280 26.50 -5.43 16.43
N LYS B 281 26.10 -6.50 15.74
CA LYS B 281 25.36 -7.58 16.39
C LYS B 281 25.77 -8.88 15.74
N THR B 282 25.88 -9.93 16.55
CA THR B 282 26.19 -11.28 16.08
C THR B 282 25.01 -12.18 16.39
N GLY B 283 24.50 -12.88 15.38
CA GLY B 283 23.46 -13.89 15.57
C GLY B 283 22.16 -13.49 14.89
N ASP B 284 21.23 -14.44 14.92
CA ASP B 284 19.94 -14.37 14.21
C ASP B 284 18.88 -14.03 15.25
N SER B 285 18.50 -12.75 15.36
CA SER B 285 17.58 -12.36 16.42
C SER B 285 16.70 -11.19 16.02
N PRO B 286 15.49 -11.10 16.56
CA PRO B 286 14.74 -9.85 16.45
C PRO B 286 15.36 -8.79 17.35
N ILE B 287 15.07 -7.55 17.04
CA ILE B 287 15.57 -6.42 17.84
C ILE B 287 14.40 -5.89 18.64
N ASN B 288 14.46 -6.04 19.95
CA ASN B 288 13.35 -5.63 20.81
C ASN B 288 13.46 -4.13 21.11
N VAL B 289 12.46 -3.38 20.68
CA VAL B 289 12.46 -1.93 20.86
C VAL B 289 11.06 -1.46 21.21
N PRO B 290 10.94 -0.31 21.88
CA PRO B 290 9.62 0.22 22.20
C PRO B 290 8.86 0.59 20.94
N ALA B 291 7.52 0.50 21.02
CA ALA B 291 6.69 0.76 19.85
C ALA B 291 6.80 2.20 19.39
N ASN B 292 7.11 3.13 20.29
CA ASN B 292 7.22 4.53 19.90
C ASN B 292 8.59 4.89 19.32
N GLY B 293 9.49 3.91 19.15
CA GLY B 293 10.86 4.24 18.79
C GLY B 293 11.05 4.53 17.31
N TYR B 294 12.09 5.31 17.00
CA TYR B 294 12.46 5.53 15.61
C TYR B 294 13.94 5.92 15.51
N PHE B 295 14.45 5.82 14.30
CA PHE B 295 15.83 6.22 14.03
C PHE B 295 15.94 7.72 13.87
N ARG B 296 16.99 8.28 14.45
CA ARG B 296 17.32 9.69 14.32
C ARG B 296 18.74 9.81 13.75
N PHE B 297 18.92 10.77 12.84
CA PHE B 297 20.27 11.05 12.33
C PHE B 297 21.11 11.80 13.38
N ASP B 298 22.36 11.36 13.54
CA ASP B 298 23.29 11.94 14.51
C ASP B 298 24.41 12.71 13.83
N SER B 299 25.03 12.16 12.79
CA SER B 299 26.20 12.74 12.15
C SER B 299 26.59 11.87 10.95
N TRP B 300 27.49 12.39 10.11
CA TRP B 300 28.13 11.59 9.06
C TRP B 300 29.46 11.05 9.58
N VAL B 301 29.69 9.75 9.40
CA VAL B 301 30.91 9.09 9.85
C VAL B 301 31.53 8.30 8.69
N SER B 302 32.55 7.50 8.98
CA SER B 302 33.23 6.72 7.96
C SER B 302 32.79 5.26 8.03
N GLN B 303 33.17 4.50 7.00
CA GLN B 303 32.92 3.06 7.02
C GLN B 303 33.66 2.37 8.15
N PHE B 304 34.64 3.05 8.75
CA PHE B 304 35.43 2.50 9.84
C PHE B 304 34.98 2.94 11.23
N TYR B 305 33.94 3.79 11.33
CA TYR B 305 33.38 4.12 12.64
C TYR B 305 32.95 2.83 13.34
N SER B 306 33.29 2.71 14.63
CA SER B 306 32.98 1.49 15.37
C SER B 306 31.72 1.70 16.21
N LEU B 307 30.68 0.93 15.90
CA LEU B 307 29.39 1.02 16.59
C LEU B 307 29.45 0.34 17.94
N ALA B 308 28.70 0.88 18.89
CA ALA B 308 28.54 0.19 20.16
C ALA B 308 27.81 -1.13 19.93
N PRO B 309 28.22 -2.21 20.55
CA PRO B 309 27.53 -3.48 20.36
C PRO B 309 26.11 -3.43 20.90
N MET B 310 25.23 -4.17 20.26
CA MET B 310 23.88 -4.23 20.78
C MET B 310 23.47 -5.66 21.09
#